data_8T8V
#
_entry.id   8T8V
#
_cell.length_a   61.706
_cell.length_b   104.656
_cell.length_c   102.502
_cell.angle_alpha   90.00
_cell.angle_beta   90.00
_cell.angle_gamma   90.00
#
_symmetry.space_group_name_H-M   'C 2 2 21'
#
loop_
_entity.id
_entity.type
_entity.pdbx_description
1 polymer Kinase
2 non-polymer "ADENOSINE-5'-DIPHOSPHATE"
3 non-polymer 'MAGNESIUM ION'
4 non-polymer 'PHOSPHATE ION'
5 water water
#
_entity_poly.entity_id   1
_entity_poly.type   'polypeptide(L)'
_entity_poly.pdbx_seq_one_letter_code
;DITNMSNIDLQSSKSVADEVIADIAEIVNKESIRIFPRIAGRSYIIYGQTSGIICKRMEKSDNEFVIYNYISEHYDKFLK
KYVPKLYGKNNDMLLLEDLTYNYNNPNVMDVKIGARKRKSHTSGFFSIRGYTNSHDYKFDPDEYLTSESTINHIKNFMEA
GGENRDKTKQVLLKWIMKLSELANDLFEINLKFDGVSLIFIYDDDCSKCDVNVVDFSRVKLIDTNDQMTISAVTNLIKIL
SELADNPLN
;
_entity_poly.pdbx_strand_id   A
#
loop_
_chem_comp.id
_chem_comp.type
_chem_comp.name
_chem_comp.formula
ADP non-polymer ADENOSINE-5'-DIPHOSPHATE 'C10 H15 N5 O10 P2'
MG non-polymer 'MAGNESIUM ION' 'Mg 2'
PO4 non-polymer 'PHOSPHATE ION' 'O4 P -3'
#
# COMPACT_ATOMS: atom_id res chain seq x y z
N SER A 32 22.06 -16.10 10.49
CA SER A 32 22.29 -14.63 10.33
C SER A 32 20.98 -13.94 9.93
N ILE A 33 20.87 -13.44 8.69
CA ILE A 33 19.81 -12.49 8.24
C ILE A 33 18.87 -13.17 7.26
N ARG A 34 17.55 -12.98 7.45
CA ARG A 34 16.49 -13.46 6.53
C ARG A 34 15.96 -12.26 5.73
N ILE A 35 16.28 -12.21 4.43
CA ILE A 35 15.77 -11.17 3.48
C ILE A 35 14.25 -11.30 3.41
N PHE A 36 13.52 -10.18 3.49
CA PHE A 36 12.04 -10.15 3.48
C PHE A 36 11.57 -10.24 2.03
N PRO A 37 10.55 -11.08 1.69
CA PRO A 37 10.04 -11.17 0.33
C PRO A 37 9.21 -9.94 -0.12
N ARG A 38 9.89 -8.80 -0.24
CA ARG A 38 9.39 -7.53 -0.86
C ARG A 38 8.65 -7.84 -2.16
N ILE A 39 7.52 -7.16 -2.39
CA ILE A 39 6.77 -7.29 -3.67
C ILE A 39 7.25 -6.18 -4.62
N ALA A 40 7.75 -5.07 -4.10
CA ALA A 40 8.27 -3.94 -4.90
C ALA A 40 9.30 -3.15 -4.07
N GLY A 41 9.71 -1.99 -4.58
CA GLY A 41 10.62 -1.07 -3.88
C GLY A 41 12.06 -1.46 -4.10
N ARG A 42 12.96 -0.73 -3.46
CA ARG A 42 14.42 -0.79 -3.71
C ARG A 42 15.23 -0.96 -2.42
N SER A 43 14.62 -0.63 -1.28
CA SER A 43 15.29 -0.56 0.04
C SER A 43 15.64 -1.96 0.52
N TYR A 44 16.70 -2.07 1.32
CA TYR A 44 17.10 -3.28 2.09
C TYR A 44 16.05 -3.52 3.19
N ILE A 45 15.29 -4.61 3.10
CA ILE A 45 14.25 -5.02 4.09
C ILE A 45 14.45 -6.48 4.46
N ILE A 46 14.60 -6.74 5.76
CA ILE A 46 14.88 -8.08 6.36
C ILE A 46 13.86 -8.35 7.46
N TYR A 47 13.65 -9.62 7.80
CA TYR A 47 12.84 -10.03 8.98
C TYR A 47 13.54 -9.50 10.24
N GLY A 48 12.76 -9.07 11.23
CA GLY A 48 13.26 -8.67 12.55
C GLY A 48 13.88 -9.85 13.28
N GLN A 49 14.59 -9.60 14.39
CA GLN A 49 15.22 -10.65 15.21
C GLN A 49 14.14 -11.41 16.00
N THR A 50 12.94 -10.83 16.15
CA THR A 50 11.80 -11.41 16.88
C THR A 50 10.56 -11.36 15.99
N SER A 51 9.55 -12.17 16.30
CA SER A 51 8.35 -12.40 15.46
C SER A 51 7.53 -11.12 15.30
N GLY A 52 7.04 -10.86 14.08
CA GLY A 52 6.05 -9.81 13.81
C GLY A 52 6.68 -8.48 13.42
N ILE A 53 8.00 -8.43 13.25
CA ILE A 53 8.75 -7.19 12.92
C ILE A 53 9.46 -7.36 11.57
N ILE A 54 9.49 -6.31 10.75
CA ILE A 54 10.47 -6.16 9.63
C ILE A 54 11.33 -4.93 9.92
N CYS A 55 12.58 -4.96 9.44
CA CYS A 55 13.56 -3.86 9.56
C CYS A 55 13.79 -3.31 8.15
N LYS A 56 13.51 -2.01 7.96
CA LYS A 56 13.68 -1.31 6.67
C LYS A 56 14.82 -0.29 6.81
N ARG A 57 15.86 -0.42 5.98
CA ARG A 57 16.97 0.56 5.93
C ARG A 57 16.43 1.87 5.33
N MET A 58 16.72 2.99 5.99
CA MET A 58 16.55 4.35 5.41
C MET A 58 17.78 4.62 4.53
N GLU A 59 17.62 4.55 3.21
CA GLU A 59 18.72 4.45 2.22
C GLU A 59 19.34 5.83 1.93
N LYS A 60 18.51 6.88 1.83
CA LYS A 60 18.92 8.18 1.25
C LYS A 60 19.05 9.24 2.35
N SER A 61 18.10 9.27 3.29
CA SER A 61 18.07 10.19 4.45
C SER A 61 17.23 9.58 5.56
N ASP A 62 17.07 10.28 6.69
CA ASP A 62 16.22 9.83 7.82
C ASP A 62 14.84 10.49 7.71
N ASN A 63 14.50 11.04 6.54
CA ASN A 63 13.22 11.77 6.32
C ASN A 63 12.04 10.90 6.74
N GLU A 64 12.04 9.62 6.38
CA GLU A 64 10.93 8.69 6.75
C GLU A 64 10.72 8.73 8.27
N PHE A 65 11.78 8.66 9.06
CA PHE A 65 11.74 8.71 10.54
C PHE A 65 11.20 10.06 11.02
N VAL A 66 11.69 11.15 10.44
CA VAL A 66 11.21 12.54 10.77
C VAL A 66 9.70 12.62 10.53
N ILE A 67 9.20 12.01 9.45
CA ILE A 67 7.75 12.09 9.05
C ILE A 67 6.90 11.18 9.96
N TYR A 68 7.32 9.94 10.26
CA TYR A 68 6.59 9.06 11.22
C TYR A 68 6.39 9.85 12.52
N ASN A 69 7.44 10.54 12.99
CA ASN A 69 7.44 11.29 14.27
C ASN A 69 6.52 12.51 14.15
N TYR A 70 6.52 13.19 13.00
CA TYR A 70 5.64 14.36 12.73
C TYR A 70 4.17 13.92 12.76
N ILE A 71 3.83 12.84 12.05
CA ILE A 71 2.43 12.30 12.00
C ILE A 71 2.04 11.84 13.42
N SER A 72 2.93 11.22 14.18
CA SER A 72 2.63 10.79 15.58
C SER A 72 2.22 12.02 16.40
N GLU A 73 2.92 13.14 16.21
CA GLU A 73 2.75 14.36 17.02
C GLU A 73 1.51 15.16 16.57
N HIS A 74 1.19 15.22 15.28
CA HIS A 74 0.14 16.12 14.75
C HIS A 74 -1.11 15.38 14.25
N TYR A 75 -1.01 14.10 13.92
CA TYR A 75 -2.09 13.32 13.26
C TYR A 75 -2.12 11.89 13.79
N ASP A 76 -2.13 11.73 15.12
CA ASP A 76 -1.93 10.41 15.78
C ASP A 76 -3.04 9.44 15.36
N LYS A 77 -4.24 9.93 15.06
CA LYS A 77 -5.41 9.07 14.72
C LYS A 77 -5.17 8.44 13.34
N PHE A 78 -4.68 9.24 12.39
CA PHE A 78 -4.31 8.79 11.02
C PHE A 78 -3.26 7.68 11.11
N LEU A 79 -2.25 7.90 11.93
CA LEU A 79 -1.12 6.96 12.14
C LEU A 79 -1.66 5.62 12.66
N LYS A 80 -2.55 5.65 13.66
CA LYS A 80 -3.09 4.42 14.30
C LYS A 80 -3.92 3.63 13.29
N LYS A 81 -4.75 4.31 12.51
CA LYS A 81 -5.75 3.66 11.61
C LYS A 81 -5.07 3.08 10.37
N TYR A 82 -4.13 3.78 9.74
CA TYR A 82 -3.78 3.55 8.30
C TYR A 82 -2.32 3.15 8.07
N VAL A 83 -1.48 3.11 9.10
CA VAL A 83 0.00 3.00 8.92
C VAL A 83 0.50 1.86 9.81
N PRO A 84 1.45 1.02 9.34
CA PRO A 84 2.06 0.02 10.21
C PRO A 84 2.69 0.71 11.43
N LYS A 85 2.61 0.08 12.59
CA LYS A 85 3.22 0.59 13.84
C LYS A 85 4.74 0.71 13.64
N LEU A 86 5.33 1.86 14.00
CA LEU A 86 6.79 2.06 14.14
C LEU A 86 7.20 1.68 15.58
N TYR A 87 7.94 0.58 15.76
CA TYR A 87 8.28 0.04 17.11
C TYR A 87 9.50 0.79 17.66
N GLY A 88 10.35 1.30 16.76
CA GLY A 88 11.55 2.06 17.13
C GLY A 88 12.59 2.03 16.01
N LYS A 89 13.81 2.45 16.34
CA LYS A 89 14.91 2.62 15.36
C LYS A 89 16.17 1.93 15.86
N ASN A 90 16.89 1.27 14.96
CA ASN A 90 18.20 0.59 15.20
C ASN A 90 19.21 1.11 14.18
N ASN A 91 19.97 2.15 14.54
CA ASN A 91 20.89 2.89 13.63
C ASN A 91 20.09 3.44 12.44
N ASP A 92 20.32 2.91 11.24
CA ASP A 92 19.64 3.35 9.98
C ASP A 92 18.41 2.48 9.68
N MET A 93 18.01 1.58 10.59
CA MET A 93 16.89 0.63 10.35
C MET A 93 15.66 1.07 11.15
N LEU A 94 14.49 1.10 10.50
CA LEU A 94 13.17 1.28 11.16
C LEU A 94 12.62 -0.11 11.48
N LEU A 95 12.23 -0.33 12.74
CA LEU A 95 11.52 -1.55 13.20
C LEU A 95 10.02 -1.34 12.99
N LEU A 96 9.44 -1.98 11.98
CA LEU A 96 8.03 -1.78 11.56
C LEU A 96 7.24 -3.06 11.82
N GLU A 97 5.95 -2.89 12.10
CA GLU A 97 4.94 -3.97 12.09
C GLU A 97 4.99 -4.70 10.74
N ASP A 98 5.15 -6.02 10.76
CA ASP A 98 5.08 -6.90 9.56
C ASP A 98 3.61 -7.09 9.19
N LEU A 99 3.15 -6.44 8.12
CA LEU A 99 1.71 -6.44 7.73
C LEU A 99 1.29 -7.83 7.23
N THR A 100 2.23 -8.73 6.92
CA THR A 100 1.91 -10.09 6.41
C THR A 100 1.89 -11.10 7.56
N TYR A 101 2.22 -10.69 8.79
CA TYR A 101 2.53 -11.62 9.90
C TYR A 101 1.37 -12.61 10.18
N ASN A 102 0.12 -12.18 10.27
CA ASN A 102 -0.89 -13.14 10.79
C ASN A 102 -1.58 -13.90 9.65
N TYR A 103 -0.96 -13.94 8.47
CA TYR A 103 -1.52 -14.58 7.25
C TYR A 103 -0.79 -15.89 6.95
N ASN A 104 -1.56 -16.98 6.78
CA ASN A 104 -1.06 -18.30 6.34
C ASN A 104 -0.53 -18.22 4.91
N ASN A 105 -1.30 -17.59 4.00
CA ASN A 105 -0.99 -17.51 2.55
C ASN A 105 -1.27 -16.09 2.07
N PRO A 106 -0.41 -15.10 2.41
CA PRO A 106 -0.67 -13.70 2.07
C PRO A 106 -0.46 -13.43 0.58
N ASN A 107 -1.36 -12.63 0.01
CA ASN A 107 -1.26 -12.07 -1.36
C ASN A 107 -1.12 -10.56 -1.19
N VAL A 108 -0.05 -9.97 -1.74
CA VAL A 108 0.31 -8.54 -1.51
C VAL A 108 0.36 -7.80 -2.84
N MET A 109 -0.22 -6.59 -2.88
N MET A 109 -0.20 -6.59 -2.87
CA MET A 109 -0.09 -5.66 -4.03
CA MET A 109 -0.07 -5.64 -4.02
C MET A 109 0.34 -4.28 -3.52
C MET A 109 0.35 -4.27 -3.51
N ASP A 110 1.35 -3.67 -4.15
CA ASP A 110 1.89 -2.35 -3.80
C ASP A 110 1.37 -1.38 -4.84
N VAL A 111 0.51 -0.42 -4.47
CA VAL A 111 0.02 0.61 -5.42
C VAL A 111 0.55 1.98 -5.00
N LYS A 112 1.35 2.62 -5.84
CA LYS A 112 1.89 3.96 -5.56
C LYS A 112 0.78 4.99 -5.79
N ILE A 113 0.35 5.70 -4.74
CA ILE A 113 -0.77 6.68 -4.81
C ILE A 113 -0.25 8.11 -4.71
N GLY A 114 0.94 8.34 -4.15
CA GLY A 114 1.57 9.67 -4.15
C GLY A 114 2.28 9.94 -5.47
N ALA A 115 2.70 11.18 -5.69
CA ALA A 115 3.39 11.61 -6.94
C ALA A 115 4.70 10.84 -7.12
N ARG A 116 5.02 10.50 -8.37
CA ARG A 116 6.31 9.86 -8.75
C ARG A 116 7.42 10.92 -8.78
N LYS A 117 8.67 10.48 -8.74
CA LYS A 117 9.84 11.40 -8.66
C LYS A 117 9.77 12.39 -9.83
N ARG A 118 9.65 11.92 -11.07
CA ARG A 118 9.68 12.80 -12.27
C ARG A 118 8.95 12.19 -13.48
N LYS A 119 8.17 11.12 -13.32
CA LYS A 119 7.38 10.52 -14.42
C LYS A 119 5.89 10.61 -14.05
N SER A 120 5.01 10.50 -15.05
CA SER A 120 3.55 10.38 -14.84
C SER A 120 3.23 8.95 -14.38
N HIS A 121 2.07 8.77 -13.73
CA HIS A 121 1.57 7.46 -13.27
C HIS A 121 1.32 6.53 -14.47
N THR A 122 1.58 5.24 -14.31
CA THR A 122 1.38 4.18 -15.33
C THR A 122 -0.11 3.89 -15.53
N SER A 123 -0.96 4.14 -14.52
CA SER A 123 -2.44 3.98 -14.64
C SER A 123 -3.13 5.33 -14.43
N GLY A 124 -2.53 6.43 -14.89
CA GLY A 124 -3.16 7.76 -14.87
C GLY A 124 -3.12 8.42 -13.50
N PHE A 125 -3.87 7.89 -12.52
CA PHE A 125 -3.98 8.50 -11.17
C PHE A 125 -3.09 7.79 -10.16
N PHE A 126 -2.59 6.58 -10.47
CA PHE A 126 -1.78 5.73 -9.57
C PHE A 126 -0.91 4.82 -10.43
N SER A 127 0.05 4.11 -9.82
CA SER A 127 0.94 3.13 -10.48
C SER A 127 1.01 1.84 -9.67
N ILE A 128 0.52 0.73 -10.22
CA ILE A 128 0.77 -0.62 -9.62
C ILE A 128 2.28 -0.86 -9.71
N ARG A 129 2.95 -1.11 -8.58
CA ARG A 129 4.42 -1.34 -8.50
C ARG A 129 4.75 -2.83 -8.53
N GLY A 130 3.85 -3.68 -8.04
CA GLY A 130 4.04 -5.14 -8.05
C GLY A 130 2.93 -5.83 -7.28
N TYR A 131 2.87 -7.16 -7.37
CA TYR A 131 1.89 -8.00 -6.64
C TYR A 131 2.34 -9.46 -6.65
N THR A 132 1.91 -10.24 -5.65
CA THR A 132 2.17 -11.69 -5.55
C THR A 132 1.77 -12.36 -6.88
N ASN A 133 2.71 -13.08 -7.49
CA ASN A 133 2.54 -13.90 -8.73
C ASN A 133 2.56 -13.05 -10.00
N SER A 134 2.90 -11.76 -9.92
CA SER A 134 2.78 -10.83 -11.08
C SER A 134 3.70 -11.28 -12.23
N HIS A 135 4.79 -11.99 -11.94
CA HIS A 135 5.73 -12.50 -12.97
C HIS A 135 4.96 -13.44 -13.92
N ASP A 136 4.12 -14.32 -13.37
CA ASP A 136 3.29 -15.29 -14.12
C ASP A 136 2.35 -14.55 -15.10
N TYR A 137 1.98 -13.30 -14.79
CA TYR A 137 1.02 -12.51 -15.62
C TYR A 137 1.78 -11.55 -16.55
N LYS A 138 3.11 -11.70 -16.65
CA LYS A 138 4.00 -10.86 -17.49
C LYS A 138 3.78 -9.38 -17.16
N PHE A 139 3.57 -9.06 -15.88
CA PHE A 139 3.42 -7.68 -15.37
C PHE A 139 4.75 -6.93 -15.49
N ASP A 140 4.72 -5.67 -15.91
CA ASP A 140 5.93 -4.82 -16.05
C ASP A 140 5.67 -3.46 -15.41
N PRO A 141 6.34 -3.13 -14.28
CA PRO A 141 6.07 -1.87 -13.58
C PRO A 141 6.32 -0.60 -14.43
N ASP A 142 7.09 -0.70 -15.51
CA ASP A 142 7.44 0.46 -16.38
C ASP A 142 6.39 0.67 -17.48
N GLU A 143 5.48 -0.29 -17.70
CA GLU A 143 4.52 -0.29 -18.84
C GLU A 143 3.32 0.62 -18.52
N TYR A 144 3.05 1.62 -19.37
CA TYR A 144 1.84 2.49 -19.27
C TYR A 144 0.64 1.63 -19.68
N LEU A 145 -0.44 1.69 -18.88
CA LEU A 145 -1.62 0.78 -19.02
C LEU A 145 -2.87 1.57 -19.39
N THR A 146 -3.71 1.00 -20.25
CA THR A 146 -5.11 1.43 -20.48
C THR A 146 -5.92 1.16 -19.21
N SER A 147 -7.12 1.71 -19.10
CA SER A 147 -8.10 1.41 -18.03
C SER A 147 -8.36 -0.10 -17.99
N GLU A 148 -8.56 -0.72 -19.16
CA GLU A 148 -8.84 -2.16 -19.30
C GLU A 148 -7.67 -3.00 -18.74
N SER A 149 -6.42 -2.64 -19.04
CA SER A 149 -5.22 -3.41 -18.61
C SER A 149 -5.01 -3.26 -17.10
N THR A 150 -5.22 -2.04 -16.57
CA THR A 150 -5.15 -1.73 -15.13
C THR A 150 -6.14 -2.65 -14.39
N ILE A 151 -7.39 -2.69 -14.84
CA ILE A 151 -8.45 -3.53 -14.19
C ILE A 151 -8.03 -5.00 -14.27
N ASN A 152 -7.47 -5.43 -15.41
CA ASN A 152 -7.09 -6.86 -15.62
C ASN A 152 -5.99 -7.25 -14.62
N HIS A 153 -5.01 -6.39 -14.34
CA HIS A 153 -3.91 -6.72 -13.39
C HIS A 153 -4.47 -6.82 -11.97
N ILE A 154 -5.41 -5.95 -11.60
CA ILE A 154 -6.06 -6.03 -10.26
C ILE A 154 -6.86 -7.34 -10.20
N LYS A 155 -7.55 -7.72 -11.28
CA LYS A 155 -8.25 -9.03 -11.36
C LYS A 155 -7.24 -10.17 -11.22
N ASN A 156 -6.06 -10.07 -11.84
CA ASN A 156 -4.99 -11.10 -11.77
C ASN A 156 -4.58 -11.30 -10.30
N PHE A 157 -4.37 -10.19 -9.59
CA PHE A 157 -4.00 -10.18 -8.15
C PHE A 157 -5.03 -10.94 -7.32
N MET A 158 -6.32 -10.88 -7.69
CA MET A 158 -7.45 -11.49 -6.95
C MET A 158 -7.62 -12.99 -7.29
N GLU A 159 -6.93 -13.52 -8.31
CA GLU A 159 -7.19 -14.92 -8.80
C GLU A 159 -6.84 -15.94 -7.71
N ALA A 160 -5.83 -15.68 -6.89
CA ALA A 160 -5.40 -16.57 -5.78
C ALA A 160 -6.55 -16.79 -4.78
N GLY A 161 -7.50 -15.85 -4.71
CA GLY A 161 -8.70 -15.94 -3.85
C GLY A 161 -9.71 -16.95 -4.35
N GLY A 162 -9.47 -17.60 -5.49
CA GLY A 162 -10.29 -18.74 -5.96
C GLY A 162 -11.66 -18.31 -6.43
N GLU A 163 -12.58 -19.29 -6.54
CA GLU A 163 -13.87 -19.17 -7.26
C GLU A 163 -15.01 -18.89 -6.27
N ASN A 164 -14.72 -18.87 -4.97
CA ASN A 164 -15.68 -18.43 -3.92
C ASN A 164 -15.94 -16.93 -4.11
N ARG A 165 -16.90 -16.59 -4.99
CA ARG A 165 -17.29 -15.20 -5.31
C ARG A 165 -17.60 -14.45 -4.01
N ASP A 166 -18.46 -15.02 -3.16
CA ASP A 166 -18.94 -14.37 -1.91
C ASP A 166 -17.75 -13.87 -1.09
N LYS A 167 -16.79 -14.74 -0.78
CA LYS A 167 -15.64 -14.39 0.08
C LYS A 167 -14.77 -13.32 -0.61
N THR A 168 -14.56 -13.40 -1.92
CA THR A 168 -13.72 -12.40 -2.65
C THR A 168 -14.46 -11.06 -2.65
N LYS A 169 -15.78 -11.07 -2.75
CA LYS A 169 -16.61 -9.84 -2.68
C LYS A 169 -16.41 -9.17 -1.32
N GLN A 170 -16.39 -9.94 -0.22
CA GLN A 170 -16.23 -9.40 1.15
C GLN A 170 -14.84 -8.76 1.31
N VAL A 171 -13.81 -9.34 0.67
CA VAL A 171 -12.43 -8.78 0.68
C VAL A 171 -12.48 -7.38 0.05
N LEU A 172 -13.06 -7.27 -1.14
CA LEU A 172 -13.15 -5.99 -1.90
C LEU A 172 -13.90 -4.95 -1.05
N LEU A 173 -15.01 -5.34 -0.43
CA LEU A 173 -15.87 -4.41 0.35
C LEU A 173 -15.11 -3.90 1.59
N LYS A 174 -14.30 -4.75 2.23
CA LYS A 174 -13.53 -4.36 3.43
C LYS A 174 -12.45 -3.34 3.02
N TRP A 175 -11.80 -3.53 1.87
CA TRP A 175 -10.82 -2.56 1.32
C TRP A 175 -11.53 -1.22 1.02
N ILE A 176 -12.69 -1.27 0.37
CA ILE A 176 -13.50 -0.07 0.00
C ILE A 176 -13.85 0.70 1.28
N MET A 177 -14.28 -0.02 2.32
CA MET A 177 -14.63 0.57 3.64
C MET A 177 -13.45 1.40 4.16
N LYS A 178 -12.24 0.81 4.17
CA LYS A 178 -11.05 1.50 4.74
C LYS A 178 -10.58 2.63 3.81
N LEU A 179 -10.56 2.44 2.49
CA LEU A 179 -10.04 3.47 1.54
C LEU A 179 -10.97 4.71 1.52
N SER A 180 -12.27 4.49 1.66
N SER A 180 -12.28 4.50 1.66
CA SER A 180 -13.30 5.56 1.71
CA SER A 180 -13.27 5.61 1.67
C SER A 180 -13.03 6.47 2.91
C SER A 180 -13.07 6.47 2.92
N GLU A 181 -12.83 5.86 4.08
CA GLU A 181 -12.50 6.60 5.33
C GLU A 181 -11.16 7.35 5.15
N LEU A 182 -10.17 6.71 4.52
CA LEU A 182 -8.83 7.29 4.25
C LEU A 182 -8.97 8.56 3.39
N ALA A 183 -9.69 8.45 2.26
CA ALA A 183 -9.91 9.57 1.31
C ALA A 183 -10.57 10.74 2.06
N ASN A 184 -11.60 10.44 2.85
CA ASN A 184 -12.30 11.42 3.74
C ASN A 184 -11.27 12.10 4.66
N ASP A 185 -10.44 11.33 5.38
CA ASP A 185 -9.49 11.83 6.40
C ASP A 185 -8.39 12.68 5.74
N LEU A 186 -8.00 12.35 4.51
CA LEU A 186 -6.89 13.04 3.78
C LEU A 186 -7.21 14.51 3.53
N PHE A 187 -8.48 14.91 3.46
CA PHE A 187 -8.88 16.33 3.22
C PHE A 187 -8.33 17.24 4.34
N GLU A 188 -8.12 16.71 5.55
CA GLU A 188 -7.71 17.50 6.74
C GLU A 188 -6.22 17.31 7.04
N ILE A 189 -5.42 16.75 6.14
CA ILE A 189 -3.98 16.46 6.41
C ILE A 189 -3.09 17.29 5.49
N ASN A 190 -2.31 18.21 6.06
CA ASN A 190 -1.41 19.11 5.29
C ASN A 190 -0.05 18.44 5.12
N LEU A 191 -0.01 17.34 4.36
CA LEU A 191 1.24 16.72 3.88
C LEU A 191 1.12 16.50 2.38
N LYS A 192 2.23 16.63 1.68
CA LYS A 192 2.38 16.18 0.27
C LYS A 192 2.92 14.75 0.34
N PHE A 193 2.07 13.78 0.02
CA PHE A 193 2.32 12.32 0.18
C PHE A 193 3.11 11.77 -1.02
N ASP A 194 4.12 12.51 -1.49
CA ASP A 194 5.04 12.07 -2.59
C ASP A 194 5.57 10.67 -2.27
N GLY A 195 5.39 9.73 -3.20
CA GLY A 195 6.03 8.40 -3.19
C GLY A 195 5.30 7.36 -2.35
N VAL A 196 4.23 7.71 -1.64
CA VAL A 196 3.56 6.74 -0.71
C VAL A 196 2.80 5.69 -1.52
N SER A 197 2.76 4.47 -0.97
CA SER A 197 2.09 3.28 -1.53
C SER A 197 1.01 2.80 -0.56
N LEU A 198 -0.06 2.23 -1.13
CA LEU A 198 -1.06 1.36 -0.46
C LEU A 198 -0.55 -0.08 -0.60
N ILE A 199 -0.47 -0.80 0.52
CA ILE A 199 -0.17 -2.27 0.54
C ILE A 199 -1.49 -3.01 0.81
N PHE A 200 -2.08 -3.59 -0.23
CA PHE A 200 -3.28 -4.45 -0.15
C PHE A 200 -2.82 -5.87 0.18
N ILE A 201 -3.45 -6.52 1.17
CA ILE A 201 -3.12 -7.92 1.57
C ILE A 201 -4.43 -8.68 1.79
N TYR A 202 -4.54 -9.90 1.25
CA TYR A 202 -5.64 -10.85 1.54
C TYR A 202 -5.05 -12.27 1.59
N ASP A 203 -5.63 -13.12 2.43
CA ASP A 203 -5.24 -14.54 2.55
C ASP A 203 -5.91 -15.33 1.42
N ASP A 204 -5.22 -16.33 0.87
CA ASP A 204 -5.78 -17.28 -0.15
C ASP A 204 -7.23 -17.65 0.19
N ASP A 205 -7.52 -17.97 1.46
CA ASP A 205 -8.86 -18.45 1.89
C ASP A 205 -9.83 -17.26 2.06
N CYS A 206 -9.36 -16.02 1.90
CA CYS A 206 -10.17 -14.77 1.97
C CYS A 206 -10.82 -14.64 3.35
N SER A 207 -10.24 -15.22 4.40
CA SER A 207 -10.73 -15.11 5.81
C SER A 207 -10.23 -13.80 6.43
N LYS A 208 -9.25 -13.13 5.82
CA LYS A 208 -8.61 -11.94 6.40
C LYS A 208 -8.06 -11.04 5.28
N CYS A 209 -8.17 -9.72 5.45
CA CYS A 209 -7.53 -8.74 4.54
C CYS A 209 -7.31 -7.40 5.25
N ASP A 210 -6.49 -6.55 4.64
CA ASP A 210 -6.29 -5.16 5.11
C ASP A 210 -5.63 -4.36 4.01
N VAL A 211 -5.60 -3.05 4.18
CA VAL A 211 -4.81 -2.13 3.32
C VAL A 211 -4.26 -1.03 4.22
N ASN A 212 -2.99 -0.67 4.02
CA ASN A 212 -2.31 0.34 4.86
C ASN A 212 -1.41 1.19 3.95
N VAL A 213 -1.05 2.39 4.43
CA VAL A 213 -0.16 3.37 3.75
C VAL A 213 1.27 3.15 4.25
N VAL A 214 2.24 3.04 3.33
CA VAL A 214 3.69 2.89 3.67
C VAL A 214 4.54 3.82 2.81
N ASP A 215 5.81 3.97 3.21
CA ASP A 215 6.89 4.64 2.45
C ASP A 215 6.75 6.16 2.56
N PHE A 216 7.22 6.73 3.66
CA PHE A 216 7.14 8.18 3.95
C PHE A 216 8.47 8.87 3.60
N SER A 217 9.34 8.20 2.83
CA SER A 217 10.73 8.63 2.56
C SER A 217 10.76 10.00 1.86
N ARG A 218 9.77 10.32 1.03
CA ARG A 218 9.75 11.55 0.19
C ARG A 218 8.63 12.50 0.63
N VAL A 219 7.92 12.21 1.73
CA VAL A 219 6.76 13.02 2.16
C VAL A 219 7.27 14.39 2.65
N LYS A 220 6.53 15.46 2.35
CA LYS A 220 6.90 16.87 2.67
C LYS A 220 5.76 17.56 3.43
N LEU A 221 6.10 18.54 4.27
CA LEU A 221 5.13 19.47 4.89
C LEU A 221 4.64 20.44 3.82
N ILE A 222 3.35 20.76 3.81
CA ILE A 222 2.73 21.83 2.97
C ILE A 222 1.61 22.50 3.78
N ASP A 223 0.94 23.50 3.22
CA ASP A 223 -0.07 24.34 3.92
C ASP A 223 -1.48 23.99 3.43
N THR A 224 -1.62 23.05 2.49
CA THR A 224 -2.92 22.54 2.00
C THR A 224 -2.92 21.01 2.03
N ASN A 225 -4.06 20.39 1.71
CA ASN A 225 -4.21 18.92 1.56
C ASN A 225 -3.62 18.50 0.21
N ASP A 226 -3.45 17.19 -0.02
CA ASP A 226 -2.85 16.63 -1.27
C ASP A 226 -3.97 16.09 -2.16
N GLN A 227 -4.42 16.91 -3.11
CA GLN A 227 -5.55 16.58 -4.02
C GLN A 227 -5.16 15.43 -4.95
N MET A 228 -3.89 15.35 -5.37
CA MET A 228 -3.37 14.28 -6.27
C MET A 228 -3.56 12.92 -5.60
N THR A 229 -3.15 12.81 -4.33
CA THR A 229 -3.20 11.53 -3.57
C THR A 229 -4.68 11.18 -3.35
N ILE A 230 -5.52 12.17 -3.07
CA ILE A 230 -6.98 11.95 -2.86
C ILE A 230 -7.57 11.37 -4.16
N SER A 231 -7.22 11.93 -5.33
CA SER A 231 -7.69 11.46 -6.64
C SER A 231 -7.25 10.02 -6.90
N ALA A 232 -6.06 9.63 -6.47
CA ALA A 232 -5.58 8.23 -6.59
C ALA A 232 -6.52 7.29 -5.83
N VAL A 233 -6.84 7.63 -4.57
CA VAL A 233 -7.65 6.76 -3.67
C VAL A 233 -9.07 6.65 -4.23
N THR A 234 -9.70 7.76 -4.62
CA THR A 234 -11.10 7.77 -5.11
C THR A 234 -11.16 6.99 -6.43
N ASN A 235 -10.10 7.00 -7.22
CA ASN A 235 -10.06 6.23 -8.50
C ASN A 235 -10.02 4.73 -8.17
N LEU A 236 -9.23 4.32 -7.19
CA LEU A 236 -9.14 2.90 -6.74
C LEU A 236 -10.49 2.44 -6.19
N ILE A 237 -11.17 3.31 -5.43
CA ILE A 237 -12.50 3.00 -4.82
C ILE A 237 -13.48 2.71 -5.96
N LYS A 238 -13.46 3.53 -7.01
CA LYS A 238 -14.32 3.36 -8.22
C LYS A 238 -14.06 1.99 -8.84
N ILE A 239 -12.79 1.67 -9.09
CA ILE A 239 -12.38 0.39 -9.74
C ILE A 239 -12.86 -0.78 -8.87
N LEU A 240 -12.53 -0.76 -7.58
CA LEU A 240 -12.84 -1.88 -6.65
C LEU A 240 -14.36 -2.06 -6.54
N SER A 241 -15.11 -0.97 -6.45
N SER A 241 -15.13 -0.97 -6.45
CA SER A 241 -16.60 -0.97 -6.37
CA SER A 241 -16.61 -1.02 -6.34
C SER A 241 -17.19 -1.68 -7.59
C SER A 241 -17.18 -1.71 -7.59
N GLU A 242 -16.67 -1.36 -8.78
CA GLU A 242 -17.09 -1.98 -10.07
C GLU A 242 -16.86 -3.49 -9.98
N LEU A 243 -15.68 -3.92 -9.53
CA LEU A 243 -15.33 -5.35 -9.35
C LEU A 243 -16.29 -6.00 -8.34
N ALA A 244 -16.61 -5.33 -7.23
CA ALA A 244 -17.45 -5.90 -6.16
C ALA A 244 -18.90 -6.07 -6.64
N ASP A 245 -19.32 -5.28 -7.62
CA ASP A 245 -20.72 -5.30 -8.10
C ASP A 245 -20.85 -6.11 -9.40
N ASN A 246 -19.73 -6.38 -10.05
CA ASN A 246 -19.76 -7.00 -11.39
C ASN A 246 -20.15 -8.46 -11.27
N PRO A 247 -21.11 -8.94 -12.08
CA PRO A 247 -21.50 -10.33 -12.08
C PRO A 247 -20.54 -11.16 -12.93
PB ADP B . 10.81 1.47 -0.72
O1B ADP B . 9.90 1.66 -1.90
O2B ADP B . 11.97 0.57 -1.02
O3B ADP B . 11.24 2.79 -0.09
PA ADP B . 8.41 0.68 0.73
O1A ADP B . 7.66 1.25 -0.41
O2A ADP B . 8.19 1.25 2.09
O3A ADP B . 9.98 0.70 0.42
O5' ADP B . 8.15 -0.91 0.78
C5' ADP B . 8.59 -1.76 -0.32
C4' ADP B . 7.91 -3.10 -0.23
O4' ADP B . 8.19 -3.69 1.07
C3' ADP B . 6.38 -3.10 -0.34
O3' ADP B . 5.99 -3.25 -1.70
C2' ADP B . 5.98 -4.32 0.49
O2' ADP B . 6.07 -5.52 -0.27
C1' ADP B . 7.05 -4.34 1.59
N9 ADP B . 6.68 -3.67 2.83
C8 ADP B . 6.99 -2.40 3.24
N7 ADP B . 6.57 -2.10 4.44
C5 ADP B . 5.97 -3.28 4.89
C6 ADP B . 5.35 -3.62 6.10
N6 ADP B . 5.23 -2.80 7.14
N1 ADP B . 4.87 -4.89 6.22
C2 ADP B . 5.00 -5.72 5.18
N3 ADP B . 5.56 -5.50 4.00
C4 ADP B . 6.03 -4.25 3.91
MG MG C . 7.85 2.34 -2.00
MG MG D . -3.15 -1.72 11.39
P PO4 E . 9.04 2.58 -5.13
O1 PO4 E . 8.37 3.27 -3.94
O2 PO4 E . 9.22 3.57 -6.27
O3 PO4 E . 8.17 1.42 -5.61
O4 PO4 E . 10.43 2.06 -4.69
P PO4 F . 9.05 6.51 -9.09
O1 PO4 F . 7.58 6.12 -9.16
O2 PO4 F . 9.19 7.92 -8.54
O3 PO4 F . 9.64 6.45 -10.50
O4 PO4 F . 9.79 5.54 -8.18
#